data_9EH4
#
_entry.id   9EH4
#
_entity_poly.entity_id   1
_entity_poly.type   'polypeptide(L)'
_entity_poly.pdbx_seq_one_letter_code
;DCCSEPPCILQNPDIC(NH2)
;
_entity_poly.pdbx_strand_id   A
#
loop_
_chem_comp.id
_chem_comp.type
_chem_comp.name
_chem_comp.formula
NH2 non-polymer 'AMINO GROUP' 'H2 N'
#
# COMPACT_ATOMS: atom_id res chain seq x y z
N ASP A 1 1.85 7.50 2.84
CA ASP A 1 2.74 6.56 2.15
C ASP A 1 1.93 5.33 1.89
N CYS A 2 2.50 4.37 1.19
CA CYS A 2 1.76 3.19 0.80
C CYS A 2 1.16 2.44 1.99
N CYS A 3 1.94 2.26 3.03
CA CYS A 3 1.53 1.45 4.18
C CYS A 3 0.55 2.20 5.08
N SER A 4 0.37 3.47 4.84
CA SER A 4 -0.58 4.23 5.57
C SER A 4 -1.76 4.60 4.69
N GLU A 5 -1.78 4.01 3.49
CA GLU A 5 -2.83 4.24 2.55
C GLU A 5 -3.43 2.92 2.08
N PRO A 6 -4.59 2.54 2.67
CA PRO A 6 -5.31 1.27 2.41
C PRO A 6 -5.31 0.76 0.94
N PRO A 7 -5.63 1.61 -0.11
CA PRO A 7 -5.67 1.13 -1.49
C PRO A 7 -4.30 0.69 -2.00
N CYS A 8 -3.24 1.28 -1.45
CA CYS A 8 -1.92 0.96 -1.93
C CYS A 8 -1.48 -0.33 -1.31
N ILE A 9 -1.80 -0.51 -0.03
CA ILE A 9 -1.41 -1.70 0.70
C ILE A 9 -2.01 -2.94 0.02
N LEU A 10 -3.26 -2.81 -0.38
CA LEU A 10 -3.99 -3.90 -0.99
C LEU A 10 -3.55 -4.16 -2.44
N GLN A 11 -3.29 -3.10 -3.19
CA GLN A 11 -2.93 -3.27 -4.60
C GLN A 11 -1.48 -3.62 -4.77
N ASN A 12 -0.62 -2.96 -4.03
CA ASN A 12 0.80 -3.13 -4.21
C ASN A 12 1.48 -3.34 -2.87
N PRO A 13 1.43 -4.55 -2.32
CA PRO A 13 2.09 -4.85 -1.06
C PRO A 13 3.62 -4.72 -1.15
N ASP A 14 4.16 -4.80 -2.37
CA ASP A 14 5.59 -4.61 -2.60
C ASP A 14 5.97 -3.16 -2.37
N ILE A 15 5.13 -2.25 -2.82
CA ILE A 15 5.36 -0.81 -2.67
C ILE A 15 5.29 -0.43 -1.20
N CYS A 16 4.48 -1.17 -0.47
CA CYS A 16 4.41 -1.03 0.96
C CYS A 16 5.69 -1.60 1.59
N NH2 A 17 5.87 -2.91 1.55
HN1 NH2 A 17 5.17 -3.45 1.11
HN2 NH2 A 17 6.68 -3.28 1.94
N ASP A 1 2.22 8.04 2.84
CA ASP A 1 2.99 6.91 2.29
C ASP A 1 2.05 5.90 1.73
N CYS A 2 2.56 4.82 1.21
CA CYS A 2 1.70 3.77 0.70
C CYS A 2 1.08 3.04 1.89
N CYS A 3 1.91 2.76 2.88
CA CYS A 3 1.50 2.06 4.11
C CYS A 3 0.46 2.82 4.95
N SER A 4 0.24 4.08 4.64
CA SER A 4 -0.72 4.83 5.38
C SER A 4 -2.11 4.72 4.72
N GLU A 5 -2.14 4.35 3.44
CA GLU A 5 -3.38 4.21 2.71
C GLU A 5 -3.61 2.74 2.36
N PRO A 6 -4.57 2.07 3.05
CA PRO A 6 -4.93 0.65 2.78
C PRO A 6 -5.13 0.29 1.27
N PRO A 7 -5.80 1.14 0.40
CA PRO A 7 -5.94 0.84 -1.03
C PRO A 7 -4.59 0.68 -1.73
N CYS A 8 -3.57 1.33 -1.22
CA CYS A 8 -2.26 1.26 -1.84
C CYS A 8 -1.60 -0.02 -1.43
N ILE A 9 -1.72 -0.34 -0.14
CA ILE A 9 -1.10 -1.51 0.45
C ILE A 9 -1.61 -2.79 -0.23
N LEU A 10 -2.91 -2.82 -0.49
CA LEU A 10 -3.54 -3.98 -1.08
C LEU A 10 -3.16 -4.14 -2.57
N GLN A 11 -2.99 -3.03 -3.26
CA GLN A 11 -2.65 -3.08 -4.68
C GLN A 11 -1.16 -3.26 -4.89
N ASN A 12 -0.38 -2.69 -3.99
CA ASN A 12 1.06 -2.80 -4.06
C ASN A 12 1.66 -3.32 -2.77
N PRO A 13 1.59 -4.65 -2.54
CA PRO A 13 2.24 -5.27 -1.39
C PRO A 13 3.74 -5.32 -1.61
N ASP A 14 4.14 -4.96 -2.81
CA ASP A 14 5.51 -4.87 -3.21
C ASP A 14 6.08 -3.55 -2.70
N ILE A 15 5.26 -2.52 -2.73
CA ILE A 15 5.67 -1.22 -2.22
C ILE A 15 5.47 -1.19 -0.71
N CYS A 16 4.36 -1.71 -0.27
CA CYS A 16 4.08 -1.79 1.14
C CYS A 16 3.63 -3.19 1.49
N NH2 A 17 4.54 -3.98 2.03
HN1 NH2 A 17 5.42 -3.60 2.22
HN2 NH2 A 17 4.29 -4.91 2.21
N ASP A 1 1.24 8.15 2.61
CA ASP A 1 2.07 7.28 1.77
C ASP A 1 1.35 5.96 1.62
N CYS A 2 1.77 5.17 0.66
CA CYS A 2 1.14 3.90 0.31
C CYS A 2 0.94 3.00 1.54
N CYS A 3 1.97 2.87 2.35
CA CYS A 3 1.94 1.99 3.52
C CYS A 3 1.02 2.49 4.66
N SER A 4 0.52 3.70 4.54
CA SER A 4 -0.41 4.24 5.50
C SER A 4 -1.79 4.42 4.86
N GLU A 5 -1.87 4.01 3.60
CA GLU A 5 -3.08 4.15 2.82
C GLU A 5 -3.54 2.77 2.34
N PRO A 6 -4.46 2.14 3.09
CA PRO A 6 -4.99 0.78 2.79
C PRO A 6 -5.34 0.50 1.31
N PRO A 7 -6.03 1.45 0.55
CA PRO A 7 -6.32 1.24 -0.87
C PRO A 7 -5.07 1.02 -1.71
N CYS A 8 -3.95 1.52 -1.23
CA CYS A 8 -2.70 1.38 -1.96
C CYS A 8 -2.00 0.12 -1.52
N ILE A 9 -2.01 -0.15 -0.20
CA ILE A 9 -1.31 -1.31 0.37
C ILE A 9 -1.75 -2.61 -0.32
N LEU A 10 -3.05 -2.76 -0.49
CA LEU A 10 -3.60 -3.96 -1.12
C LEU A 10 -3.17 -4.07 -2.58
N GLN A 11 -3.07 -2.94 -3.25
CA GLN A 11 -2.74 -2.96 -4.66
C GLN A 11 -1.25 -3.02 -4.89
N ASN A 12 -0.49 -2.56 -3.94
CA ASN A 12 0.96 -2.54 -4.07
C ASN A 12 1.63 -3.21 -2.85
N PRO A 13 1.58 -4.55 -2.77
CA PRO A 13 2.18 -5.28 -1.64
C PRO A 13 3.70 -5.27 -1.69
N ASP A 14 4.25 -4.96 -2.86
CA ASP A 14 5.70 -4.96 -3.05
C ASP A 14 6.31 -3.71 -2.44
N ILE A 15 5.50 -2.69 -2.29
CA ILE A 15 5.95 -1.44 -1.71
C ILE A 15 6.11 -1.62 -0.21
N CYS A 16 5.12 -2.18 0.40
CA CYS A 16 5.13 -2.38 1.82
C CYS A 16 5.53 -3.81 2.16
N NH2 A 17 4.57 -4.70 2.34
HN1 NH2 A 17 3.63 -4.41 2.28
HN2 NH2 A 17 4.83 -5.63 2.52
N ASP A 1 1.73 7.96 2.60
CA ASP A 1 2.59 6.94 2.02
C ASP A 1 1.80 5.66 1.93
N CYS A 2 2.25 4.75 1.10
CA CYS A 2 1.53 3.53 0.76
C CYS A 2 1.07 2.75 2.00
N CYS A 3 1.96 2.56 2.96
CA CYS A 3 1.66 1.79 4.16
C CYS A 3 0.69 2.49 5.13
N SER A 4 0.35 3.71 4.87
CA SER A 4 -0.62 4.39 5.69
C SER A 4 -1.88 4.62 4.87
N GLU A 5 -1.87 4.11 3.66
CA GLU A 5 -2.97 4.28 2.75
C GLU A 5 -3.42 2.90 2.26
N PRO A 6 -4.44 2.31 2.95
CA PRO A 6 -4.96 0.96 2.66
C PRO A 6 -5.15 0.61 1.16
N PRO A 7 -5.80 1.49 0.30
CA PRO A 7 -5.99 1.20 -1.12
C PRO A 7 -4.67 0.96 -1.88
N CYS A 8 -3.56 1.43 -1.33
CA CYS A 8 -2.28 1.24 -1.98
C CYS A 8 -1.69 -0.11 -1.55
N ILE A 9 -1.83 -0.41 -0.25
CA ILE A 9 -1.28 -1.62 0.35
C ILE A 9 -1.87 -2.87 -0.31
N LEU A 10 -3.16 -2.82 -0.55
CA LEU A 10 -3.90 -3.92 -1.14
C LEU A 10 -3.60 -4.08 -2.63
N GLN A 11 -3.10 -3.06 -3.26
CA GLN A 11 -2.78 -3.15 -4.66
C GLN A 11 -1.37 -3.62 -4.86
N ASN A 12 -0.45 -2.99 -4.15
CA ASN A 12 0.95 -3.32 -4.30
C ASN A 12 1.63 -3.51 -2.97
N PRO A 13 1.60 -4.73 -2.42
CA PRO A 13 2.26 -5.04 -1.16
C PRO A 13 3.79 -5.08 -1.30
N ASP A 14 4.26 -4.95 -2.52
CA ASP A 14 5.69 -4.87 -2.79
C ASP A 14 6.18 -3.49 -2.41
N ILE A 15 5.39 -2.48 -2.75
CA ILE A 15 5.70 -1.09 -2.44
C ILE A 15 5.59 -0.88 -0.94
N CYS A 16 4.52 -1.39 -0.39
CA CYS A 16 4.30 -1.31 1.02
C CYS A 16 4.79 -2.60 1.68
N NH2 A 17 6.06 -2.68 1.93
HN1 NH2 A 17 6.63 -1.91 1.70
HN2 NH2 A 17 6.40 -3.50 2.34
N ASP A 1 2.05 7.89 2.41
CA ASP A 1 2.92 6.72 2.44
C ASP A 1 2.08 5.51 2.19
N CYS A 2 2.55 4.58 1.40
CA CYS A 2 1.80 3.43 0.97
C CYS A 2 1.24 2.63 2.15
N CYS A 3 2.02 2.45 3.19
CA CYS A 3 1.58 1.67 4.35
C CYS A 3 0.58 2.43 5.23
N SER A 4 0.32 3.67 4.87
CA SER A 4 -0.66 4.46 5.56
C SER A 4 -1.80 4.76 4.58
N GLU A 5 -1.77 4.11 3.44
CA GLU A 5 -2.75 4.25 2.41
C GLU A 5 -3.25 2.85 2.03
N PRO A 6 -4.32 2.38 2.72
CA PRO A 6 -4.86 1.01 2.56
C PRO A 6 -4.98 0.47 1.10
N PRO A 7 -5.55 1.23 0.10
CA PRO A 7 -5.67 0.74 -1.28
C PRO A 7 -4.32 0.49 -1.92
N CYS A 8 -3.29 1.20 -1.47
CA CYS A 8 -1.97 1.05 -2.04
C CYS A 8 -1.40 -0.28 -1.58
N ILE A 9 -1.66 -0.59 -0.32
CA ILE A 9 -1.19 -1.80 0.31
C ILE A 9 -1.91 -3.00 -0.32
N LEU A 10 -3.17 -2.79 -0.57
CA LEU A 10 -4.04 -3.81 -1.14
C LEU A 10 -3.72 -4.10 -2.61
N GLN A 11 -3.29 -3.08 -3.34
CA GLN A 11 -2.99 -3.26 -4.74
C GLN A 11 -1.59 -3.76 -4.94
N ASN A 12 -0.67 -3.20 -4.21
CA ASN A 12 0.72 -3.57 -4.35
C ASN A 12 1.39 -3.55 -3.02
N PRO A 13 1.34 -4.66 -2.27
CA PRO A 13 2.04 -4.77 -1.00
C PRO A 13 3.57 -4.61 -1.19
N ASP A 14 4.02 -4.71 -2.44
CA ASP A 14 5.42 -4.44 -2.82
C ASP A 14 5.80 -3.01 -2.51
N ILE A 15 4.85 -2.10 -2.67
CA ILE A 15 5.11 -0.68 -2.44
C ILE A 15 5.01 -0.36 -0.94
N CYS A 16 4.45 -1.29 -0.20
CA CYS A 16 4.32 -1.16 1.24
C CYS A 16 5.29 -2.13 1.91
N NH2 A 17 6.55 -1.77 1.94
HN1 NH2 A 17 6.78 -0.91 1.55
HN2 NH2 A 17 7.19 -2.37 2.35
N ASP A 1 1.90 8.05 2.76
CA ASP A 1 2.66 7.13 1.90
C ASP A 1 1.79 5.94 1.61
N CYS A 2 2.33 4.95 0.95
CA CYS A 2 1.55 3.80 0.54
C CYS A 2 1.06 2.99 1.74
N CYS A 3 1.89 2.84 2.74
CA CYS A 3 1.57 2.01 3.89
C CYS A 3 0.55 2.68 4.80
N SER A 4 0.34 3.95 4.61
CA SER A 4 -0.64 4.64 5.39
C SER A 4 -1.98 4.71 4.63
N GLU A 5 -1.97 4.27 3.37
CA GLU A 5 -3.15 4.25 2.54
C GLU A 5 -3.57 2.81 2.28
N PRO A 6 -4.60 2.31 2.98
CA PRO A 6 -5.08 0.91 2.87
C PRO A 6 -5.18 0.35 1.41
N PRO A 7 -5.84 1.06 0.42
CA PRO A 7 -5.94 0.56 -0.96
C PRO A 7 -4.58 0.43 -1.63
N CYS A 8 -3.61 1.21 -1.18
CA CYS A 8 -2.30 1.20 -1.79
C CYS A 8 -1.56 -0.01 -1.31
N ILE A 9 -1.75 -0.35 -0.04
CA ILE A 9 -1.10 -1.50 0.56
C ILE A 9 -1.59 -2.77 -0.14
N LEU A 10 -2.88 -2.80 -0.39
CA LEU A 10 -3.51 -3.95 -1.05
C LEU A 10 -3.09 -4.04 -2.51
N GLN A 11 -3.03 -2.92 -3.20
CA GLN A 11 -2.68 -2.92 -4.62
C GLN A 11 -1.18 -3.02 -4.84
N ASN A 12 -0.41 -2.49 -3.94
CA ASN A 12 1.02 -2.50 -4.07
C ASN A 12 1.70 -3.14 -2.87
N PRO A 13 1.62 -4.49 -2.73
CA PRO A 13 2.26 -5.18 -1.61
C PRO A 13 3.78 -5.21 -1.84
N ASP A 14 4.16 -4.82 -3.04
CA ASP A 14 5.54 -4.70 -3.41
C ASP A 14 6.14 -3.47 -2.77
N ILE A 15 5.30 -2.50 -2.46
CA ILE A 15 5.74 -1.31 -1.75
C ILE A 15 5.58 -1.56 -0.26
N CYS A 16 4.41 -2.01 0.11
CA CYS A 16 4.12 -2.31 1.50
C CYS A 16 3.77 -3.76 1.65
N NH2 A 17 4.74 -4.56 2.05
HN1 NH2 A 17 5.61 -4.16 2.25
HN2 NH2 A 17 4.56 -5.52 2.12
N ASP A 1 2.95 7.38 3.27
CA ASP A 1 3.50 6.50 2.24
C ASP A 1 2.39 5.56 1.79
N CYS A 2 2.71 4.55 0.98
CA CYS A 2 1.70 3.62 0.48
C CYS A 2 0.98 2.91 1.64
N CYS A 3 1.72 2.58 2.70
CA CYS A 3 1.17 1.89 3.85
C CYS A 3 0.28 2.79 4.71
N SER A 4 0.20 4.05 4.36
CA SER A 4 -0.65 4.98 5.07
C SER A 4 -2.06 4.88 4.49
N GLU A 5 -2.16 4.23 3.35
CA GLU A 5 -3.41 4.07 2.68
C GLU A 5 -3.65 2.59 2.43
N PRO A 6 -4.54 1.96 3.23
CA PRO A 6 -4.89 0.55 3.04
C PRO A 6 -5.18 0.12 1.56
N PRO A 7 -5.97 0.91 0.73
CA PRO A 7 -6.19 0.58 -0.68
C PRO A 7 -4.88 0.51 -1.49
N CYS A 8 -3.85 1.22 -1.04
CA CYS A 8 -2.58 1.25 -1.75
C CYS A 8 -1.84 -0.03 -1.45
N ILE A 9 -1.95 -0.46 -0.21
CA ILE A 9 -1.28 -1.67 0.27
C ILE A 9 -1.84 -2.88 -0.50
N LEU A 10 -3.12 -2.85 -0.76
CA LEU A 10 -3.79 -3.90 -1.48
C LEU A 10 -3.33 -3.95 -2.94
N GLN A 11 -3.09 -2.78 -3.51
CA GLN A 11 -2.66 -2.70 -4.90
C GLN A 11 -1.18 -3.05 -5.03
N ASN A 12 -0.38 -2.56 -4.11
CA ASN A 12 1.06 -2.80 -4.15
C ASN A 12 1.62 -3.20 -2.78
N PRO A 13 1.51 -4.49 -2.43
CA PRO A 13 1.99 -4.99 -1.14
C PRO A 13 3.52 -5.05 -1.08
N ASP A 14 4.15 -5.07 -2.25
CA ASP A 14 5.60 -5.11 -2.34
C ASP A 14 6.18 -3.71 -2.17
N ILE A 15 5.43 -2.71 -2.63
CA ILE A 15 5.85 -1.33 -2.47
C ILE A 15 5.63 -0.88 -1.03
N CYS A 16 4.54 -1.33 -0.47
CA CYS A 16 4.23 -1.07 0.91
C CYS A 16 5.19 -1.88 1.82
N NH2 A 17 4.94 -3.15 1.96
HN1 NH2 A 17 4.17 -3.56 1.50
HN2 NH2 A 17 5.55 -3.67 2.54
N ASP A 1 2.01 8.42 2.27
CA ASP A 1 2.80 7.24 1.89
C ASP A 1 1.85 6.07 1.73
N CYS A 2 2.29 5.07 0.99
CA CYS A 2 1.47 3.94 0.64
C CYS A 2 1.01 3.14 1.85
N CYS A 3 1.89 2.94 2.82
CA CYS A 3 1.56 2.18 4.02
C CYS A 3 0.53 2.87 4.93
N SER A 4 0.24 4.13 4.68
CA SER A 4 -0.79 4.81 5.43
C SER A 4 -2.11 4.79 4.67
N GLU A 5 -2.09 4.23 3.48
CA GLU A 5 -3.28 4.13 2.68
C GLU A 5 -3.58 2.66 2.41
N PRO A 6 -4.51 2.06 3.19
CA PRO A 6 -4.89 0.64 3.04
C PRO A 6 -5.12 0.16 1.58
N PRO A 7 -5.89 0.92 0.70
CA PRO A 7 -6.08 0.51 -0.70
C PRO A 7 -4.75 0.43 -1.47
N CYS A 8 -3.78 1.26 -1.07
CA CYS A 8 -2.51 1.30 -1.77
C CYS A 8 -1.70 0.08 -1.38
N ILE A 9 -1.81 -0.29 -0.12
CA ILE A 9 -1.09 -1.43 0.43
C ILE A 9 -1.55 -2.70 -0.27
N LEU A 10 -2.83 -2.75 -0.57
CA LEU A 10 -3.42 -3.89 -1.26
C LEU A 10 -3.08 -3.86 -2.75
N GLN A 11 -2.93 -2.68 -3.32
CA GLN A 11 -2.57 -2.56 -4.73
C GLN A 11 -1.09 -2.78 -4.94
N ASN A 12 -0.29 -2.41 -3.97
CA ASN A 12 1.15 -2.53 -4.07
C ASN A 12 1.71 -3.33 -2.89
N PRO A 13 1.63 -4.67 -2.95
CA PRO A 13 2.12 -5.52 -1.88
C PRO A 13 3.65 -5.59 -1.84
N ASP A 14 4.29 -5.18 -2.93
CA ASP A 14 5.76 -5.13 -2.97
C ASP A 14 6.25 -3.88 -2.29
N ILE A 15 5.58 -2.77 -2.57
CA ILE A 15 5.91 -1.49 -1.97
C ILE A 15 5.60 -1.52 -0.48
N CYS A 16 4.45 -2.05 -0.15
CA CYS A 16 4.06 -2.12 1.23
C CYS A 16 3.54 -3.53 1.52
N NH2 A 17 2.34 -3.83 1.08
HN1 NH2 A 17 1.82 -3.16 0.61
HN2 NH2 A 17 2.00 -4.74 1.27
N ASP A 1 1.52 8.09 1.80
CA ASP A 1 2.50 6.99 1.95
C ASP A 1 1.78 5.70 1.94
N CYS A 2 2.26 4.77 1.14
CA CYS A 2 1.58 3.53 0.82
C CYS A 2 1.14 2.74 2.06
N CYS A 3 2.01 2.60 3.03
CA CYS A 3 1.71 1.87 4.26
C CYS A 3 0.66 2.54 5.14
N SER A 4 0.36 3.77 4.86
CA SER A 4 -0.65 4.48 5.59
C SER A 4 -1.83 4.75 4.67
N GLU A 5 -1.86 4.03 3.57
CA GLU A 5 -2.91 4.11 2.60
C GLU A 5 -3.35 2.71 2.21
N PRO A 6 -4.35 2.14 2.93
CA PRO A 6 -4.91 0.81 2.65
C PRO A 6 -5.17 0.52 1.13
N PRO A 7 -5.76 1.48 0.32
CA PRO A 7 -5.97 1.27 -1.12
C PRO A 7 -4.65 1.00 -1.85
N CYS A 8 -3.54 1.41 -1.27
CA CYS A 8 -2.25 1.21 -1.87
C CYS A 8 -1.69 -0.11 -1.41
N ILE A 9 -1.83 -0.41 -0.13
CA ILE A 9 -1.24 -1.62 0.47
C ILE A 9 -1.77 -2.88 -0.21
N LEU A 10 -3.07 -2.92 -0.45
CA LEU A 10 -3.71 -4.09 -1.05
C LEU A 10 -3.60 -4.10 -2.57
N GLN A 11 -2.95 -3.10 -3.12
CA GLN A 11 -2.71 -3.04 -4.55
C GLN A 11 -1.24 -3.18 -4.86
N ASN A 12 -0.43 -2.68 -3.98
CA ASN A 12 0.99 -2.71 -4.14
C ASN A 12 1.66 -3.27 -2.88
N PRO A 13 1.60 -4.60 -2.68
CA PRO A 13 2.19 -5.24 -1.50
C PRO A 13 3.71 -5.25 -1.55
N ASP A 14 4.27 -4.92 -2.69
CA ASP A 14 5.71 -4.83 -2.82
C ASP A 14 6.15 -3.49 -2.32
N ILE A 15 5.39 -2.46 -2.69
CA ILE A 15 5.68 -1.09 -2.29
C ILE A 15 5.49 -0.98 -0.78
N CYS A 16 4.43 -1.56 -0.28
CA CYS A 16 4.20 -1.63 1.15
C CYS A 16 4.11 -3.08 1.56
N NH2 A 17 5.21 -3.62 2.05
HN1 NH2 A 17 6.00 -3.05 2.16
HN2 NH2 A 17 5.19 -4.57 2.28
N ASP A 1 2.61 7.96 2.76
CA ASP A 1 3.33 6.74 2.43
C ASP A 1 2.31 5.76 1.89
N CYS A 2 2.73 4.72 1.21
CA CYS A 2 1.79 3.74 0.69
C CYS A 2 1.11 3.03 1.85
N CYS A 3 1.86 2.81 2.94
CA CYS A 3 1.36 2.16 4.13
C CYS A 3 0.38 3.04 4.92
N SER A 4 0.15 4.25 4.43
CA SER A 4 -0.80 5.14 5.03
C SER A 4 -2.19 4.85 4.46
N GLU A 5 -2.20 4.29 3.25
CA GLU A 5 -3.42 4.06 2.51
C GLU A 5 -3.66 2.57 2.30
N PRO A 6 -4.67 1.99 2.98
CA PRO A 6 -5.05 0.58 2.82
C PRO A 6 -5.17 0.11 1.33
N PRO A 7 -5.86 0.89 0.41
CA PRO A 7 -5.94 0.52 -1.01
C PRO A 7 -4.56 0.42 -1.67
N CYS A 8 -3.61 1.19 -1.17
CA CYS A 8 -2.29 1.21 -1.73
C CYS A 8 -1.54 -0.01 -1.27
N ILE A 9 -1.76 -0.36 0.00
CA ILE A 9 -1.10 -1.51 0.61
C ILE A 9 -1.57 -2.80 -0.10
N LEU A 10 -2.86 -2.84 -0.39
CA LEU A 10 -3.47 -3.99 -1.04
C LEU A 10 -3.06 -4.08 -2.51
N GLN A 11 -3.02 -2.96 -3.20
CA GLN A 11 -2.72 -2.96 -4.62
C GLN A 11 -1.22 -2.92 -4.91
N ASN A 12 -0.45 -2.54 -3.93
CA ASN A 12 1.00 -2.51 -4.07
C ASN A 12 1.69 -3.17 -2.87
N PRO A 13 1.52 -4.50 -2.67
CA PRO A 13 2.19 -5.22 -1.58
C PRO A 13 3.71 -5.21 -1.78
N ASP A 14 4.12 -4.91 -3.00
CA ASP A 14 5.52 -4.77 -3.37
C ASP A 14 6.11 -3.53 -2.70
N ILE A 15 5.29 -2.50 -2.61
CA ILE A 15 5.72 -1.24 -2.04
C ILE A 15 5.46 -1.25 -0.54
N CYS A 16 4.34 -1.78 -0.14
CA CYS A 16 3.99 -1.88 1.24
C CYS A 16 3.53 -3.29 1.55
N NH2 A 17 4.39 -4.08 2.13
HN1 NH2 A 17 5.26 -3.70 2.40
HN2 NH2 A 17 4.15 -5.02 2.27
N ASP A 1 2.18 8.29 3.16
CA ASP A 1 2.88 7.21 2.47
C ASP A 1 1.85 6.28 1.88
N CYS A 2 2.25 5.38 0.98
CA CYS A 2 1.35 4.41 0.41
C CYS A 2 0.77 3.52 1.53
N CYS A 3 1.61 3.16 2.50
CA CYS A 3 1.19 2.31 3.62
C CYS A 3 0.21 3.04 4.55
N SER A 4 0.09 4.34 4.40
CA SER A 4 -0.82 5.12 5.20
C SER A 4 -2.26 4.90 4.71
N GLU A 5 -2.37 4.36 3.49
CA GLU A 5 -3.63 4.05 2.88
C GLU A 5 -3.75 2.56 2.61
N PRO A 6 -4.63 1.87 3.36
CA PRO A 6 -4.89 0.44 3.17
C PRO A 6 -5.08 -0.01 1.69
N PRO A 7 -5.92 0.70 0.84
CA PRO A 7 -6.13 0.29 -0.55
C PRO A 7 -4.86 0.46 -1.40
N CYS A 8 -3.91 1.23 -0.92
CA CYS A 8 -2.69 1.45 -1.65
C CYS A 8 -1.78 0.26 -1.38
N ILE A 9 -1.83 -0.24 -0.16
CA ILE A 9 -1.04 -1.40 0.24
C ILE A 9 -1.54 -2.63 -0.50
N LEU A 10 -2.85 -2.73 -0.61
CA LEU A 10 -3.51 -3.84 -1.28
C LEU A 10 -3.20 -3.84 -2.79
N GLN A 11 -2.83 -2.70 -3.31
CA GLN A 11 -2.47 -2.56 -4.71
C GLN A 11 -0.96 -2.57 -4.91
N ASN A 12 -0.22 -2.28 -3.85
CA ASN A 12 1.24 -2.26 -3.90
C ASN A 12 1.83 -3.10 -2.75
N PRO A 13 1.63 -4.43 -2.76
CA PRO A 13 2.09 -5.29 -1.67
C PRO A 13 3.59 -5.56 -1.75
N ASP A 14 4.14 -5.44 -2.94
CA ASP A 14 5.56 -5.68 -3.16
C ASP A 14 6.36 -4.53 -2.59
N ILE A 15 5.84 -3.34 -2.75
CA ILE A 15 6.46 -2.14 -2.19
C ILE A 15 6.13 -2.01 -0.70
N CYS A 16 4.90 -2.20 -0.35
CA CYS A 16 4.50 -2.08 1.03
C CYS A 16 4.21 -3.47 1.61
N NH2 A 17 5.23 -4.10 2.16
HN1 NH2 A 17 6.09 -3.63 2.20
HN2 NH2 A 17 5.08 -4.99 2.52
N ASP A 1 2.71 8.00 3.03
CA ASP A 1 3.10 7.18 1.89
C ASP A 1 2.03 6.13 1.69
N CYS A 2 2.24 5.24 0.73
CA CYS A 2 1.29 4.19 0.36
C CYS A 2 0.77 3.40 1.58
N CYS A 3 1.65 3.10 2.52
CA CYS A 3 1.31 2.33 3.73
C CYS A 3 0.32 3.06 4.66
N SER A 4 0.09 4.33 4.41
CA SER A 4 -0.87 5.09 5.17
C SER A 4 -2.29 4.76 4.68
N GLU A 5 -2.43 4.42 3.41
CA GLU A 5 -3.72 4.10 2.86
C GLU A 5 -3.81 2.60 2.61
N PRO A 6 -4.58 1.87 3.45
CA PRO A 6 -4.75 0.41 3.31
C PRO A 6 -5.06 -0.10 1.86
N PRO A 7 -6.01 0.54 1.09
CA PRO A 7 -6.25 0.13 -0.31
C PRO A 7 -4.99 0.23 -1.19
N CYS A 8 -4.05 1.10 -0.82
CA CYS A 8 -2.82 1.29 -1.59
C CYS A 8 -1.88 0.15 -1.29
N ILE A 9 -1.98 -0.36 -0.08
CA ILE A 9 -1.15 -1.46 0.36
C ILE A 9 -1.51 -2.70 -0.46
N LEU A 10 -2.78 -2.81 -0.80
CA LEU A 10 -3.26 -3.89 -1.65
C LEU A 10 -2.83 -3.63 -3.12
N GLN A 11 -2.68 -2.37 -3.49
CA GLN A 11 -2.25 -1.99 -4.84
C GLN A 11 -0.79 -2.33 -5.01
N ASN A 12 -0.03 -2.08 -3.96
CA ASN A 12 1.39 -2.34 -3.98
C ASN A 12 1.79 -3.19 -2.78
N PRO A 13 1.51 -4.51 -2.80
CA PRO A 13 1.84 -5.39 -1.69
C PRO A 13 3.33 -5.71 -1.61
N ASP A 14 4.04 -5.47 -2.68
CA ASP A 14 5.48 -5.70 -2.71
C ASP A 14 6.21 -4.49 -2.18
N ILE A 15 5.78 -3.33 -2.64
CA ILE A 15 6.37 -2.06 -2.23
C ILE A 15 6.01 -1.76 -0.77
N CYS A 16 4.76 -1.95 -0.44
CA CYS A 16 4.32 -1.71 0.92
C CYS A 16 4.00 -3.03 1.60
N NH2 A 17 2.89 -3.64 1.24
HN1 NH2 A 17 2.32 -3.22 0.56
HN2 NH2 A 17 2.68 -4.49 1.67
N ASP A 1 1.28 8.83 2.27
CA ASP A 1 2.12 7.63 2.23
C ASP A 1 1.29 6.43 1.84
N CYS A 2 1.68 5.77 0.76
CA CYS A 2 0.99 4.61 0.21
C CYS A 2 0.85 3.49 1.23
N CYS A 3 1.94 3.19 1.90
CA CYS A 3 2.01 2.12 2.88
C CYS A 3 1.22 2.41 4.16
N SER A 4 0.65 3.58 4.25
CA SER A 4 -0.16 3.93 5.38
C SER A 4 -1.64 3.96 4.97
N GLU A 5 -1.90 3.79 3.67
CA GLU A 5 -3.23 3.84 3.13
C GLU A 5 -3.64 2.46 2.64
N PRO A 6 -4.57 1.79 3.36
CA PRO A 6 -5.03 0.41 3.05
C PRO A 6 -5.25 0.11 1.52
N PRO A 7 -6.00 0.96 0.73
CA PRO A 7 -6.22 0.69 -0.70
C PRO A 7 -4.92 0.73 -1.51
N CYS A 8 -3.94 1.46 -1.01
CA CYS A 8 -2.71 1.61 -1.73
C CYS A 8 -1.77 0.46 -1.35
N ILE A 9 -1.84 0.05 -0.09
CA ILE A 9 -1.04 -1.08 0.42
C ILE A 9 -1.45 -2.35 -0.34
N LEU A 10 -2.74 -2.47 -0.58
CA LEU A 10 -3.33 -3.60 -1.26
C LEU A 10 -2.81 -3.71 -2.70
N GLN A 11 -2.75 -2.59 -3.39
CA GLN A 11 -2.34 -2.58 -4.78
C GLN A 11 -0.85 -2.67 -4.95
N ASN A 12 -0.13 -2.22 -3.96
CA ASN A 12 1.34 -2.34 -3.95
C ASN A 12 1.81 -3.22 -2.79
N PRO A 13 1.54 -4.55 -2.81
CA PRO A 13 1.90 -5.43 -1.70
C PRO A 13 3.40 -5.72 -1.62
N ASP A 14 4.12 -5.44 -2.68
CA ASP A 14 5.57 -5.66 -2.67
C ASP A 14 6.25 -4.47 -2.05
N ILE A 15 5.67 -3.31 -2.28
CA ILE A 15 6.20 -2.08 -1.74
C ILE A 15 5.79 -1.94 -0.28
N CYS A 16 4.54 -2.18 -0.02
CA CYS A 16 4.03 -2.04 1.30
C CYS A 16 3.73 -3.40 1.90
N NH2 A 17 4.66 -3.91 2.66
HN1 NH2 A 17 5.47 -3.38 2.84
HN2 NH2 A 17 4.52 -4.81 3.03
N ASP A 1 2.05 8.56 1.86
CA ASP A 1 2.75 7.28 1.88
C ASP A 1 1.83 6.23 1.36
N CYS A 2 2.33 5.07 1.14
CA CYS A 2 1.50 4.00 0.65
C CYS A 2 0.92 3.22 1.84
N CYS A 3 1.79 2.86 2.79
CA CYS A 3 1.41 2.08 3.98
C CYS A 3 0.42 2.79 4.89
N SER A 4 0.27 4.08 4.71
CA SER A 4 -0.66 4.82 5.48
C SER A 4 -2.09 4.57 4.97
N GLU A 5 -2.22 4.33 3.67
CA GLU A 5 -3.51 4.15 3.03
C GLU A 5 -3.72 2.69 2.63
N PRO A 6 -4.65 1.98 3.33
CA PRO A 6 -4.96 0.56 3.08
C PRO A 6 -5.11 0.13 1.58
N PRO A 7 -5.86 0.88 0.70
CA PRO A 7 -6.01 0.49 -0.71
C PRO A 7 -4.68 0.49 -1.46
N CYS A 8 -3.72 1.30 -1.02
CA CYS A 8 -2.44 1.39 -1.70
C CYS A 8 -1.64 0.15 -1.41
N ILE A 9 -1.78 -0.33 -0.19
CA ILE A 9 -1.09 -1.50 0.28
C ILE A 9 -1.61 -2.72 -0.47
N LEU A 10 -2.91 -2.72 -0.65
CA LEU A 10 -3.61 -3.75 -1.40
C LEU A 10 -3.18 -3.75 -2.87
N GLN A 11 -2.89 -2.59 -3.39
CA GLN A 11 -2.48 -2.47 -4.77
C GLN A 11 -1.02 -2.77 -4.95
N ASN A 12 -0.21 -2.45 -3.96
CA ASN A 12 1.22 -2.66 -4.08
C ASN A 12 1.79 -3.37 -2.86
N PRO A 13 1.57 -4.70 -2.75
CA PRO A 13 2.12 -5.47 -1.62
C PRO A 13 3.65 -5.56 -1.65
N ASP A 14 4.25 -5.29 -2.80
CA ASP A 14 5.72 -5.29 -2.90
C ASP A 14 6.27 -3.98 -2.38
N ILE A 15 5.55 -2.90 -2.63
CA ILE A 15 5.96 -1.60 -2.16
C ILE A 15 5.67 -1.49 -0.66
N CYS A 16 4.55 -2.01 -0.26
CA CYS A 16 4.19 -2.00 1.13
C CYS A 16 3.91 -3.43 1.60
N NH2 A 17 4.94 -4.10 2.07
HN1 NH2 A 17 5.80 -3.65 2.12
HN2 NH2 A 17 4.79 -5.03 2.35
N ASP A 1 3.19 8.23 1.68
CA ASP A 1 3.70 6.87 1.59
C ASP A 1 2.54 5.96 1.24
N CYS A 2 2.80 4.69 1.08
CA CYS A 2 1.79 3.75 0.67
C CYS A 2 1.06 3.12 1.87
N CYS A 3 1.80 2.80 2.92
CA CYS A 3 1.27 2.13 4.12
C CYS A 3 0.22 2.95 4.87
N SER A 4 0.09 4.22 4.56
CA SER A 4 -0.93 5.03 5.17
C SER A 4 -2.29 4.82 4.51
N GLU A 5 -2.29 4.13 3.38
CA GLU A 5 -3.51 3.87 2.66
C GLU A 5 -3.71 2.39 2.48
N PRO A 6 -4.66 1.78 3.21
CA PRO A 6 -5.01 0.36 3.08
C PRO A 6 -5.19 -0.11 1.59
N PRO A 7 -5.93 0.64 0.69
CA PRO A 7 -6.04 0.27 -0.72
C PRO A 7 -4.68 0.24 -1.42
N CYS A 8 -3.75 1.08 -0.97
CA CYS A 8 -2.44 1.16 -1.59
C CYS A 8 -1.65 -0.06 -1.21
N ILE A 9 -1.79 -0.46 0.03
CA ILE A 9 -1.11 -1.62 0.56
C ILE A 9 -1.58 -2.89 -0.17
N LEU A 10 -2.81 -2.85 -0.63
CA LEU A 10 -3.40 -3.93 -1.36
C LEU A 10 -2.99 -3.89 -2.84
N GLN A 11 -3.04 -2.70 -3.45
CA GLN A 11 -2.68 -2.53 -4.87
C GLN A 11 -1.18 -2.64 -5.07
N ASN A 12 -0.44 -2.20 -4.08
CA ASN A 12 1.00 -2.23 -4.13
C ASN A 12 1.56 -2.99 -2.93
N PRO A 13 1.46 -4.33 -2.93
CA PRO A 13 1.91 -5.13 -1.79
C PRO A 13 3.44 -5.25 -1.75
N ASP A 14 4.08 -4.83 -2.82
CA ASP A 14 5.52 -4.84 -2.92
C ASP A 14 6.11 -3.62 -2.25
N ILE A 15 5.41 -2.50 -2.40
CA ILE A 15 5.85 -1.26 -1.80
C ILE A 15 5.57 -1.30 -0.31
N CYS A 16 4.41 -1.77 0.06
CA CYS A 16 4.08 -1.90 1.45
C CYS A 16 3.82 -3.37 1.77
N NH2 A 17 4.87 -4.08 2.09
HN1 NH2 A 17 5.73 -3.61 2.12
HN2 NH2 A 17 4.77 -5.03 2.27
N ASP A 1 1.56 8.70 2.27
CA ASP A 1 2.36 7.47 2.31
C ASP A 1 1.51 6.27 1.89
N CYS A 2 2.11 5.30 1.20
CA CYS A 2 1.37 4.14 0.68
C CYS A 2 0.90 3.23 1.81
N CYS A 3 1.79 2.93 2.75
CA CYS A 3 1.48 2.05 3.88
C CYS A 3 0.52 2.69 4.88
N SER A 4 0.31 3.96 4.71
CA SER A 4 -0.61 4.65 5.53
C SER A 4 -2.02 4.60 4.92
N GLU A 5 -2.10 4.21 3.65
CA GLU A 5 -3.37 4.14 2.96
C GLU A 5 -3.67 2.71 2.52
N PRO A 6 -4.59 2.05 3.23
CA PRO A 6 -5.00 0.65 2.96
C PRO A 6 -5.16 0.25 1.47
N PRO A 7 -5.84 1.06 0.58
CA PRO A 7 -5.98 0.69 -0.83
C PRO A 7 -4.64 0.55 -1.53
N CYS A 8 -3.67 1.36 -1.13
CA CYS A 8 -2.37 1.36 -1.78
C CYS A 8 -1.61 0.14 -1.35
N ILE A 9 -1.85 -0.27 -0.11
CA ILE A 9 -1.20 -1.43 0.47
C ILE A 9 -1.67 -2.69 -0.26
N LEU A 10 -2.95 -2.72 -0.59
CA LEU A 10 -3.52 -3.83 -1.34
C LEU A 10 -3.03 -3.82 -2.78
N GLN A 11 -2.91 -2.64 -3.35
CA GLN A 11 -2.48 -2.51 -4.72
C GLN A 11 -1.01 -2.78 -4.89
N ASN A 12 -0.24 -2.44 -3.89
CA ASN A 12 1.19 -2.64 -3.95
C ASN A 12 1.71 -3.37 -2.73
N PRO A 13 1.59 -4.71 -2.71
CA PRO A 13 2.07 -5.51 -1.59
C PRO A 13 3.58 -5.63 -1.58
N ASP A 14 4.18 -5.48 -2.75
CA ASP A 14 5.63 -5.61 -2.88
C ASP A 14 6.31 -4.34 -2.43
N ILE A 15 5.76 -3.21 -2.83
CA ILE A 15 6.30 -1.92 -2.43
C ILE A 15 5.96 -1.65 -0.96
N CYS A 16 4.73 -1.92 -0.60
CA CYS A 16 4.29 -1.71 0.74
C CYS A 16 3.97 -3.05 1.41
N NH2 A 17 2.80 -3.60 1.13
HN1 NH2 A 17 2.20 -3.14 0.52
HN2 NH2 A 17 2.60 -4.46 1.55
N ASP A 1 2.39 8.12 3.34
CA ASP A 1 3.16 7.04 2.72
C ASP A 1 2.19 6.11 2.03
N CYS A 2 2.69 5.09 1.37
CA CYS A 2 1.82 4.09 0.74
C CYS A 2 1.15 3.29 1.83
N CYS A 3 1.92 2.95 2.87
CA CYS A 3 1.44 2.21 4.03
C CYS A 3 0.40 2.99 4.86
N SER A 4 0.13 4.22 4.48
CA SER A 4 -0.87 4.98 5.14
C SER A 4 -2.24 4.60 4.58
N GLU A 5 -2.26 4.31 3.28
CA GLU A 5 -3.49 4.08 2.57
C GLU A 5 -3.70 2.61 2.30
N PRO A 6 -4.74 2.00 2.91
CA PRO A 6 -5.07 0.58 2.71
C PRO A 6 -5.10 0.13 1.22
N PRO A 7 -5.77 0.86 0.26
CA PRO A 7 -5.76 0.48 -1.15
C PRO A 7 -4.35 0.50 -1.78
N CYS A 8 -3.42 1.19 -1.17
CA CYS A 8 -2.06 1.23 -1.71
C CYS A 8 -1.34 -0.01 -1.27
N ILE A 9 -1.55 -0.36 0.00
CA ILE A 9 -0.94 -1.53 0.60
C ILE A 9 -1.46 -2.78 -0.09
N LEU A 10 -2.75 -2.81 -0.27
CA LEU A 10 -3.43 -3.93 -0.89
C LEU A 10 -3.07 -4.05 -2.37
N GLN A 11 -3.12 -2.96 -3.11
CA GLN A 11 -2.90 -3.03 -4.55
C GLN A 11 -1.44 -3.13 -4.90
N ASN A 12 -0.58 -2.64 -4.04
CA ASN A 12 0.84 -2.71 -4.27
C ASN A 12 1.56 -3.29 -3.06
N PRO A 13 1.45 -4.63 -2.84
CA PRO A 13 2.05 -5.30 -1.68
C PRO A 13 3.58 -5.35 -1.76
N ASP A 14 4.12 -5.08 -2.94
CA ASP A 14 5.56 -5.06 -3.10
C ASP A 14 6.11 -3.75 -2.56
N ILE A 15 5.33 -2.70 -2.73
CA ILE A 15 5.71 -1.39 -2.27
C ILE A 15 5.48 -1.29 -0.76
N CYS A 16 4.34 -1.72 -0.32
CA CYS A 16 4.04 -1.74 1.08
C CYS A 16 3.59 -3.13 1.49
N NH2 A 17 4.43 -3.84 2.17
HN1 NH2 A 17 5.28 -3.42 2.44
HN2 NH2 A 17 4.20 -4.77 2.40
N ASP A 1 2.40 8.36 1.83
CA ASP A 1 2.94 7.06 2.22
C ASP A 1 1.94 5.98 1.92
N CYS A 2 2.36 4.99 1.17
CA CYS A 2 1.51 3.92 0.70
C CYS A 2 0.94 3.12 1.87
N CYS A 3 1.76 2.84 2.87
CA CYS A 3 1.36 2.07 4.03
C CYS A 3 0.38 2.82 4.97
N SER A 4 0.17 4.07 4.70
CA SER A 4 -0.76 4.84 5.47
C SER A 4 -2.16 4.75 4.83
N GLU A 5 -2.22 4.21 3.62
CA GLU A 5 -3.47 4.14 2.90
C GLU A 5 -3.75 2.70 2.47
N PRO A 6 -4.71 2.02 3.17
CA PRO A 6 -5.10 0.61 2.92
C PRO A 6 -5.23 0.20 1.42
N PRO A 7 -5.88 1.00 0.51
CA PRO A 7 -5.97 0.63 -0.91
C PRO A 7 -4.59 0.46 -1.56
N CYS A 8 -3.64 1.28 -1.16
CA CYS A 8 -2.32 1.24 -1.77
C CYS A 8 -1.58 0.03 -1.26
N ILE A 9 -1.83 -0.32 -0.02
CA ILE A 9 -1.21 -1.46 0.61
C ILE A 9 -1.62 -2.75 -0.13
N LEU A 10 -2.88 -2.79 -0.51
CA LEU A 10 -3.44 -3.93 -1.22
C LEU A 10 -2.97 -3.96 -2.67
N GLN A 11 -2.98 -2.79 -3.31
CA GLN A 11 -2.62 -2.68 -4.71
C GLN A 11 -1.14 -2.83 -4.95
N ASN A 12 -0.35 -2.41 -4.00
CA ASN A 12 1.09 -2.50 -4.11
C ASN A 12 1.71 -3.18 -2.88
N PRO A 13 1.61 -4.52 -2.79
CA PRO A 13 2.13 -5.28 -1.65
C PRO A 13 3.65 -5.44 -1.71
N ASP A 14 4.23 -5.21 -2.88
CA ASP A 14 5.68 -5.31 -3.04
C ASP A 14 6.31 -4.04 -2.50
N ILE A 15 5.63 -2.94 -2.72
CA ILE A 15 6.08 -1.65 -2.22
C ILE A 15 5.75 -1.57 -0.73
N CYS A 16 4.52 -1.74 -0.41
CA CYS A 16 4.08 -1.68 0.96
C CYS A 16 3.80 -3.09 1.49
N NH2 A 17 2.64 -3.63 1.20
HN1 NH2 A 17 1.99 -3.12 0.68
HN2 NH2 A 17 2.48 -4.54 1.52
N ASP A 1 2.50 8.28 2.04
CA ASP A 1 2.97 6.91 2.23
C ASP A 1 1.92 5.93 1.80
N CYS A 2 2.28 5.06 0.88
CA CYS A 2 1.39 4.03 0.37
C CYS A 2 0.97 3.11 1.51
N CYS A 3 1.89 2.83 2.40
CA CYS A 3 1.65 1.95 3.53
C CYS A 3 0.80 2.60 4.61
N SER A 4 0.36 3.80 4.38
CA SER A 4 -0.51 4.46 5.29
C SER A 4 -1.87 4.70 4.62
N GLU A 5 -2.03 4.11 3.44
CA GLU A 5 -3.26 4.18 2.68
C GLU A 5 -3.72 2.77 2.34
N PRO A 6 -4.69 2.22 3.09
CA PRO A 6 -5.18 0.83 2.93
C PRO A 6 -5.37 0.31 1.46
N PRO A 7 -6.04 1.07 0.53
CA PRO A 7 -6.19 0.60 -0.85
C PRO A 7 -4.85 0.44 -1.56
N CYS A 8 -3.88 1.26 -1.19
CA CYS A 8 -2.59 1.25 -1.83
C CYS A 8 -1.79 0.08 -1.30
N ILE A 9 -1.98 -0.21 -0.01
CA ILE A 9 -1.30 -1.31 0.67
C ILE A 9 -1.65 -2.64 0.00
N LEU A 10 -2.89 -2.75 -0.41
CA LEU A 10 -3.39 -3.94 -1.05
C LEU A 10 -2.95 -4.03 -2.50
N GLN A 11 -3.01 -2.93 -3.20
CA GLN A 11 -2.70 -2.93 -4.61
C GLN A 11 -1.19 -2.92 -4.88
N ASN A 12 -0.40 -2.44 -3.95
CA ASN A 12 1.06 -2.44 -4.11
C ASN A 12 1.76 -3.14 -2.94
N PRO A 13 1.74 -4.49 -2.91
CA PRO A 13 2.39 -5.23 -1.85
C PRO A 13 3.92 -5.22 -1.94
N ASP A 14 4.46 -4.72 -3.04
CA ASP A 14 5.92 -4.59 -3.15
C ASP A 14 6.35 -3.43 -2.28
N ILE A 15 5.54 -2.41 -2.25
CA ILE A 15 5.81 -1.25 -1.44
C ILE A 15 5.45 -1.56 0.00
N CYS A 16 4.32 -2.22 0.16
CA CYS A 16 3.85 -2.58 1.47
C CYS A 16 3.80 -4.08 1.65
N NH2 A 17 4.88 -4.63 2.12
HN1 NH2 A 17 5.63 -4.04 2.35
HN2 NH2 A 17 4.92 -5.60 2.24
N ASP A 1 3.85 7.98 0.96
CA ASP A 1 3.72 6.82 1.85
C ASP A 1 2.49 6.04 1.50
N CYS A 2 2.69 4.81 1.12
CA CYS A 2 1.63 3.95 0.67
C CYS A 2 0.91 3.27 1.85
N CYS A 3 1.68 2.85 2.84
CA CYS A 3 1.15 2.13 4.01
C CYS A 3 0.07 2.89 4.80
N SER A 4 0.09 4.22 4.77
CA SER A 4 -0.97 4.97 5.43
C SER A 4 -2.33 4.82 4.72
N GLU A 5 -2.31 4.32 3.49
CA GLU A 5 -3.52 4.10 2.75
C GLU A 5 -3.74 2.62 2.53
N PRO A 6 -4.64 2.00 3.30
CA PRO A 6 -4.97 0.57 3.18
C PRO A 6 -5.19 0.07 1.71
N PRO A 7 -6.00 0.75 0.83
CA PRO A 7 -6.18 0.31 -0.56
C PRO A 7 -4.86 0.28 -1.33
N CYS A 8 -3.91 1.13 -0.94
CA CYS A 8 -2.63 1.22 -1.63
C CYS A 8 -1.80 0.01 -1.31
N ILE A 9 -1.96 -0.47 -0.08
CA ILE A 9 -1.22 -1.61 0.42
C ILE A 9 -1.60 -2.87 -0.37
N LEU A 10 -2.88 -3.00 -0.65
CA LEU A 10 -3.37 -4.13 -1.42
C LEU A 10 -3.06 -3.99 -2.91
N GLN A 11 -2.91 -2.77 -3.37
CA GLN A 11 -2.59 -2.53 -4.77
C GLN A 11 -1.09 -2.71 -5.02
N ASN A 12 -0.28 -2.28 -4.08
CA ASN A 12 1.16 -2.39 -4.22
C ASN A 12 1.77 -3.11 -3.03
N PRO A 13 1.73 -4.45 -3.02
CA PRO A 13 2.23 -5.26 -1.90
C PRO A 13 3.74 -5.26 -1.81
N ASP A 14 4.42 -4.92 -2.89
CA ASP A 14 5.88 -4.88 -2.89
C ASP A 14 6.33 -3.57 -2.27
N ILE A 15 5.47 -2.58 -2.35
CA ILE A 15 5.74 -1.29 -1.78
C ILE A 15 5.35 -1.31 -0.30
N CYS A 16 4.25 -1.92 -0.01
CA CYS A 16 3.83 -2.03 1.35
C CYS A 16 3.45 -3.47 1.66
N NH2 A 17 4.40 -4.23 2.17
HN1 NH2 A 17 5.27 -3.81 2.35
HN2 NH2 A 17 4.20 -5.17 2.33
#